data_1U3I
#
_entry.id   1U3I
#
_cell.length_a   121.950
_cell.length_b   121.950
_cell.length_c   121.950
_cell.angle_alpha   90.00
_cell.angle_beta   90.00
_cell.angle_gamma   90.00
#
_symmetry.space_group_name_H-M   'P 43 3 2'
#
loop_
_entity.id
_entity.type
_entity.pdbx_description
1 polymer 'Glutathione S-transferase 28 kDa'
2 non-polymer GLUTATHIONE
3 water water
#
_entity_poly.entity_id   1
_entity_poly.type   'polypeptide(L)'
_entity_poly.pdbx_seq_one_letter_code
;MAGEHIKVIYFDGRGRAESIRMTLVAAGVDYEDERISFQDWPKIKPTIPGGRLPAVKVTDDHGHVKWMLESLAIARYMAK
KHHMMGETDEEYYSVEKLIGQAEDVEHEYHKTLMKPQEEKEKITKEILNGKVPVLFNMICESLKGSTGKLAVGDKVTLAD
LVLIAVIDHVTDLDKGFLTGKYPEIHKHRENLLASSPRLAKYLSNRPATPF
;
_entity_poly.pdbx_strand_id   A
#
loop_
_chem_comp.id
_chem_comp.type
_chem_comp.name
_chem_comp.formula
GSH non-polymer GLUTATHIONE 'C10 H17 N3 O6 S'
#
# COMPACT_ATOMS: atom_id res chain seq x y z
N GLU A 4 -15.68 9.50 -14.45
CA GLU A 4 -15.66 9.77 -12.98
C GLU A 4 -14.65 10.87 -12.63
N HIS A 5 -15.00 11.74 -11.68
CA HIS A 5 -14.00 12.47 -10.92
C HIS A 5 -13.80 11.70 -9.62
N ILE A 6 -12.56 11.31 -9.37
CA ILE A 6 -12.24 10.50 -8.21
C ILE A 6 -11.45 11.33 -7.20
N LYS A 7 -11.93 11.37 -5.96
CA LYS A 7 -11.24 12.10 -4.90
C LYS A 7 -10.90 11.09 -3.80
N VAL A 8 -9.61 10.99 -3.49
CA VAL A 8 -9.14 10.10 -2.43
C VAL A 8 -8.90 10.98 -1.22
N ILE A 9 -9.56 10.65 -0.12
CA ILE A 9 -9.54 11.50 1.06
C ILE A 9 -8.83 10.73 2.16
N TYR A 10 -7.74 11.29 2.65
CA TYR A 10 -6.98 10.66 3.71
C TYR A 10 -6.24 11.73 4.50
N PHE A 11 -5.53 11.30 5.54
CA PHE A 11 -4.61 12.19 6.25
C PHE A 11 -3.39 12.44 5.37
N ASP A 12 -2.50 13.29 5.82
CA ASP A 12 -1.33 13.60 5.02
C ASP A 12 -0.29 12.55 5.32
N GLY A 13 -0.51 11.38 4.77
CA GLY A 13 0.42 10.29 4.95
C GLY A 13 0.12 9.21 3.95
N ARG A 14 0.99 8.21 3.91
CA ARG A 14 0.78 7.07 3.03
C ARG A 14 -0.29 6.19 3.67
N GLY A 15 0.07 5.59 4.81
CA GLY A 15 -0.89 4.87 5.62
C GLY A 15 -1.75 3.92 4.82
N ARG A 16 -3.06 3.91 5.11
CA ARG A 16 -3.99 2.98 4.45
C ARG A 16 -4.43 3.44 3.05
N ALA A 17 -4.18 4.71 2.72
CA ALA A 17 -4.60 5.20 1.41
C ALA A 17 -3.62 4.87 0.28
N GLU A 18 -2.39 4.56 0.65
CA GLU A 18 -1.33 4.43 -0.36
C GLU A 18 -1.58 3.34 -1.40
N SER A 19 -2.18 2.22 -0.98
CA SER A 19 -2.56 1.15 -1.91
C SER A 19 -3.56 1.66 -2.95
N ILE A 20 -4.44 2.57 -2.57
CA ILE A 20 -5.43 3.12 -3.50
C ILE A 20 -4.73 4.06 -4.45
N ARG A 21 -3.91 4.96 -3.89
CA ARG A 21 -3.17 5.90 -4.75
C ARG A 21 -2.34 5.16 -5.77
N MET A 22 -1.58 4.17 -5.31
CA MET A 22 -0.71 3.45 -6.23
C MET A 22 -1.47 2.69 -7.29
N THR A 23 -2.63 2.15 -6.92
CA THR A 23 -3.44 1.43 -7.90
C THR A 23 -3.90 2.37 -9.01
N LEU A 24 -4.44 3.52 -8.63
CA LEU A 24 -4.85 4.50 -9.63
C LEU A 24 -3.68 4.93 -10.50
N VAL A 25 -2.56 5.24 -9.85
CA VAL A 25 -1.37 5.63 -10.60
C VAL A 25 -0.94 4.56 -11.62
N ALA A 26 -0.84 3.30 -11.17
CA ALA A 26 -0.38 2.21 -12.02
C ALA A 26 -1.35 2.00 -13.19
N ALA A 27 -2.64 2.17 -12.92
CA ALA A 27 -3.68 1.99 -13.93
C ALA A 27 -3.81 3.21 -14.85
N GLY A 28 -3.17 4.30 -14.49
CA GLY A 28 -3.19 5.52 -15.30
C GLY A 28 -4.49 6.31 -15.18
N VAL A 29 -5.07 6.29 -13.99
CA VAL A 29 -6.33 6.95 -13.70
C VAL A 29 -6.08 8.24 -12.90
N ASP A 30 -6.55 9.36 -13.41
CA ASP A 30 -6.37 10.62 -12.71
C ASP A 30 -7.27 10.66 -11.49
N TYR A 31 -6.76 11.26 -10.42
CA TYR A 31 -7.57 11.41 -9.20
C TYR A 31 -7.11 12.66 -8.46
N GLU A 32 -7.98 13.15 -7.58
CA GLU A 32 -7.65 14.26 -6.72
C GLU A 32 -7.24 13.69 -5.36
N ASP A 33 -6.08 14.14 -4.88
CA ASP A 33 -5.51 13.59 -3.65
C ASP A 33 -5.79 14.61 -2.58
N GLU A 34 -6.82 14.35 -1.77
CA GLU A 34 -7.24 15.28 -0.75
C GLU A 34 -6.64 14.89 0.60
N ARG A 35 -5.81 15.75 1.16
CA ARG A 35 -5.10 15.36 2.37
C ARG A 35 -5.56 16.27 3.51
N ILE A 36 -6.04 15.66 4.59
CA ILE A 36 -6.61 16.40 5.72
C ILE A 36 -5.59 16.48 6.83
N SER A 37 -5.39 17.68 7.38
CA SER A 37 -4.53 17.85 8.52
C SER A 37 -5.21 17.26 9.75
N PHE A 38 -4.41 16.79 10.69
CA PHE A 38 -4.96 16.29 11.95
C PHE A 38 -5.73 17.37 12.70
N GLN A 39 -5.27 18.62 12.60
CA GLN A 39 -5.94 19.73 13.30
C GLN A 39 -7.38 19.94 12.78
N ASP A 40 -7.58 19.62 11.50
CA ASP A 40 -8.86 19.85 10.81
C ASP A 40 -9.83 18.67 10.91
N TRP A 41 -9.30 17.49 11.21
CA TRP A 41 -10.05 16.26 11.18
C TRP A 41 -11.33 16.24 12.03
N PRO A 42 -11.27 16.68 13.30
CA PRO A 42 -12.48 16.64 14.14
C PRO A 42 -13.61 17.46 13.52
N LYS A 43 -13.25 18.50 12.76
CA LYS A 43 -14.22 19.31 12.03
C LYS A 43 -14.79 18.60 10.81
N ILE A 44 -13.99 17.78 10.16
CA ILE A 44 -14.39 17.12 8.90
C ILE A 44 -15.02 15.75 9.17
N LYS A 45 -14.61 15.08 10.24
CA LYS A 45 -15.10 13.74 10.56
C LYS A 45 -16.63 13.56 10.44
N PRO A 46 -17.45 14.50 10.95
CA PRO A 46 -18.91 14.41 10.77
C PRO A 46 -19.43 14.32 9.31
N THR A 47 -18.62 14.76 8.34
CA THR A 47 -19.03 14.83 6.93
C THR A 47 -18.63 13.62 6.08
N ILE A 48 -17.84 12.71 6.67
CA ILE A 48 -17.42 11.53 5.93
C ILE A 48 -18.31 10.39 6.38
N PRO A 49 -18.96 9.71 5.44
CA PRO A 49 -19.80 8.54 5.75
C PRO A 49 -18.97 7.52 6.51
N GLY A 50 -19.42 7.12 7.71
CA GLY A 50 -18.64 6.18 8.50
C GLY A 50 -17.59 6.82 9.39
N GLY A 51 -17.22 8.08 9.12
CA GLY A 51 -16.33 8.82 10.00
C GLY A 51 -14.89 8.35 10.09
N ARG A 52 -14.43 7.58 9.10
CA ARG A 52 -13.06 7.09 9.10
C ARG A 52 -12.48 7.23 7.70
N LEU A 53 -11.16 7.28 7.62
CA LEU A 53 -10.46 7.46 6.36
C LEU A 53 -9.59 6.23 6.13
N PRO A 54 -9.26 5.89 4.89
CA PRO A 54 -9.62 6.68 3.70
C PRO A 54 -11.06 6.51 3.20
N ALA A 55 -11.53 7.49 2.47
CA ALA A 55 -12.82 7.38 1.80
C ALA A 55 -12.55 7.91 0.41
N VAL A 56 -13.29 7.43 -0.57
CA VAL A 56 -13.10 7.82 -1.95
C VAL A 56 -14.45 8.34 -2.40
N LYS A 57 -14.46 9.57 -2.89
CA LYS A 57 -15.69 10.20 -3.35
C LYS A 57 -15.64 10.22 -4.86
N VAL A 58 -16.64 9.61 -5.48
CA VAL A 58 -16.63 9.48 -6.92
C VAL A 58 -17.80 10.26 -7.45
N THR A 59 -17.51 11.19 -8.36
CA THR A 59 -18.51 12.06 -8.96
C THR A 59 -18.57 11.77 -10.46
N ASP A 60 -19.76 11.41 -10.94
CA ASP A 60 -20.01 11.34 -12.38
C ASP A 60 -20.43 12.72 -12.88
N ASP A 61 -21.49 12.75 -13.70
CA ASP A 61 -22.21 13.94 -14.07
C ASP A 61 -23.70 13.62 -14.26
N HIS A 62 -24.02 12.31 -14.32
CA HIS A 62 -25.40 11.83 -14.51
C HIS A 62 -26.21 11.72 -13.20
N GLY A 63 -25.92 10.72 -12.36
CA GLY A 63 -26.53 10.63 -11.02
C GLY A 63 -25.91 11.71 -10.17
N HIS A 64 -24.83 11.35 -9.49
CA HIS A 64 -23.73 12.26 -9.13
C HIS A 64 -22.68 11.65 -8.20
N VAL A 65 -22.91 11.68 -6.89
CA VAL A 65 -21.90 11.24 -5.91
C VAL A 65 -22.07 9.80 -5.43
N LYS A 66 -20.96 9.07 -5.41
CA LYS A 66 -20.89 7.75 -4.80
C LYS A 66 -19.73 7.78 -3.82
N TRP A 67 -19.93 7.20 -2.65
CA TRP A 67 -18.86 7.11 -1.64
C TRP A 67 -18.40 5.67 -1.56
N MET A 68 -17.09 5.49 -1.44
CA MET A 68 -16.53 4.18 -1.26
C MET A 68 -15.66 4.20 -0.02
N LEU A 69 -15.79 3.14 0.78
CA LEU A 69 -15.04 3.00 2.02
C LEU A 69 -14.28 1.69 2.01
N GLU A 70 -13.32 1.61 2.92
CA GLU A 70 -12.57 0.38 3.23
C GLU A 70 -11.43 0.21 2.24
N SER A 71 -10.23 0.60 2.68
CA SER A 71 -9.12 0.88 1.75
C SER A 71 -8.82 -0.24 0.75
N LEU A 72 -8.66 -1.45 1.25
CA LEU A 72 -8.27 -2.56 0.38
C LEU A 72 -9.46 -3.16 -0.36
N ALA A 73 -10.68 -2.91 0.10
CA ALA A 73 -11.85 -3.19 -0.73
C ALA A 73 -11.87 -2.26 -1.94
N ILE A 74 -11.64 -0.97 -1.67
CA ILE A 74 -11.51 0.00 -2.78
C ILE A 74 -10.40 -0.39 -3.74
N ALA A 75 -9.18 -0.63 -3.22
CA ALA A 75 -8.04 -1.01 -4.03
C ALA A 75 -8.32 -2.25 -4.86
N ARG A 76 -8.91 -3.29 -4.27
CA ARG A 76 -9.19 -4.51 -5.02
C ARG A 76 -10.19 -4.26 -6.14
N TYR A 77 -11.21 -3.45 -5.88
CA TYR A 77 -12.21 -3.18 -6.89
C TYR A 77 -11.54 -2.47 -8.06
N MET A 78 -10.74 -1.44 -7.76
CA MET A 78 -10.09 -0.68 -8.82
C MET A 78 -9.09 -1.57 -9.57
N ALA A 79 -8.38 -2.41 -8.82
CA ALA A 79 -7.42 -3.33 -9.45
C ALA A 79 -8.12 -4.33 -10.35
N LYS A 80 -9.28 -4.85 -9.91
CA LYS A 80 -10.03 -5.79 -10.75
C LYS A 80 -10.44 -5.12 -12.06
N LYS A 81 -10.93 -3.88 -11.95
CA LYS A 81 -11.38 -3.12 -13.15
C LYS A 81 -10.24 -2.94 -14.12
N HIS A 82 -9.01 -2.89 -13.61
CA HIS A 82 -7.86 -2.65 -14.45
C HIS A 82 -6.93 -3.84 -14.62
N HIS A 83 -7.48 -5.04 -14.44
CA HIS A 83 -6.77 -6.29 -14.71
C HIS A 83 -5.49 -6.42 -13.91
N MET A 84 -5.57 -6.06 -12.64
CA MET A 84 -4.42 -6.16 -11.78
C MET A 84 -4.69 -7.11 -10.61
N MET A 85 -5.64 -8.03 -10.77
CA MET A 85 -5.86 -9.02 -9.70
C MET A 85 -5.52 -10.46 -10.14
N GLY A 86 -4.73 -10.59 -11.20
CA GLY A 86 -4.40 -11.91 -11.74
C GLY A 86 -5.20 -12.24 -12.97
N GLU A 87 -4.59 -13.05 -13.84
CA GLU A 87 -5.26 -13.45 -15.08
C GLU A 87 -5.91 -14.81 -15.00
N THR A 88 -5.62 -15.58 -13.96
CA THR A 88 -6.25 -16.88 -13.78
C THR A 88 -6.62 -16.96 -12.31
N ASP A 89 -7.40 -17.98 -11.96
CA ASP A 89 -7.76 -18.13 -10.54
C ASP A 89 -6.55 -18.39 -9.66
N GLU A 90 -5.57 -19.08 -10.22
CA GLU A 90 -4.37 -19.40 -9.48
C GLU A 90 -3.52 -18.16 -9.26
N GLU A 91 -3.48 -17.27 -10.26
CA GLU A 91 -2.81 -15.99 -10.04
C GLU A 91 -3.53 -15.14 -9.00
N TYR A 92 -4.86 -15.18 -9.01
CA TYR A 92 -5.67 -14.43 -8.04
C TYR A 92 -5.34 -14.92 -6.63
N TYR A 93 -5.28 -16.23 -6.44
CA TYR A 93 -4.81 -16.76 -5.16
C TYR A 93 -3.42 -16.20 -4.78
N SER A 94 -2.47 -16.21 -5.72
CA SER A 94 -1.09 -15.75 -5.43
C SER A 94 -1.09 -14.28 -5.05
N VAL A 95 -1.91 -13.48 -5.73
CA VAL A 95 -2.04 -12.06 -5.40
C VAL A 95 -2.52 -11.94 -3.95
N GLU A 96 -3.60 -12.66 -3.64
CA GLU A 96 -4.18 -12.57 -2.30
C GLU A 96 -3.25 -13.10 -1.24
N LYS A 97 -2.48 -14.13 -1.60
CA LYS A 97 -1.55 -14.68 -0.62
C LYS A 97 -0.51 -13.62 -0.22
N LEU A 98 0.05 -12.94 -1.21
CA LEU A 98 1.09 -11.93 -0.92
C LEU A 98 0.48 -10.74 -0.21
N ILE A 99 -0.74 -10.37 -0.57
CA ILE A 99 -1.44 -9.32 0.19
C ILE A 99 -1.58 -9.68 1.67
N GLY A 100 -2.00 -10.90 1.96
CA GLY A 100 -2.15 -11.32 3.36
C GLY A 100 -0.84 -11.31 4.13
N GLN A 101 0.23 -11.76 3.48
CA GLN A 101 1.56 -11.75 4.11
C GLN A 101 2.04 -10.33 4.36
N ALA A 102 1.88 -9.46 3.37
CA ALA A 102 2.26 -8.08 3.49
C ALA A 102 1.44 -7.41 4.61
N GLU A 103 0.15 -7.74 4.68
CA GLU A 103 -0.70 -7.13 5.70
C GLU A 103 -0.30 -7.57 7.11
N ASP A 104 0.23 -8.77 7.22
CA ASP A 104 0.75 -9.24 8.52
C ASP A 104 1.96 -8.42 8.95
N VAL A 105 2.77 -7.98 7.98
CA VAL A 105 3.94 -7.12 8.33
C VAL A 105 3.38 -5.77 8.78
N GLU A 106 2.41 -5.25 8.03
CA GLU A 106 1.75 -4.00 8.42
C GLU A 106 1.16 -4.07 9.83
N HIS A 107 0.54 -5.22 10.19
CA HIS A 107 0.02 -5.39 11.54
C HIS A 107 1.11 -5.18 12.61
N GLU A 108 2.31 -5.69 12.35
CA GLU A 108 3.45 -5.52 13.28
C GLU A 108 3.85 -4.05 13.37
N TYR A 109 4.02 -3.43 12.20
CA TYR A 109 4.34 -2.00 12.13
C TYR A 109 3.36 -1.14 12.95
N HIS A 110 2.07 -1.46 12.81
CA HIS A 110 0.98 -0.74 13.49
C HIS A 110 1.14 -0.66 15.00
N LYS A 111 1.80 -1.66 15.58
CA LYS A 111 2.05 -1.69 17.03
C LYS A 111 2.90 -0.50 17.53
N THR A 112 3.67 0.10 16.63
CA THR A 112 4.59 1.20 16.99
C THR A 112 3.95 2.58 16.95
N LEU A 113 2.75 2.67 16.37
CA LEU A 113 2.11 3.98 16.19
C LEU A 113 1.48 4.47 17.49
N MET A 114 1.55 5.78 17.71
CA MET A 114 0.99 6.45 18.89
C MET A 114 1.56 5.96 20.22
N LYS A 115 2.85 5.59 20.23
CA LYS A 115 3.51 5.15 21.46
C LYS A 115 4.61 6.14 21.86
N PRO A 116 4.78 6.35 23.16
CA PRO A 116 5.89 7.18 23.67
C PRO A 116 7.24 6.84 23.02
N GLN A 117 8.07 7.87 22.83
CA GLN A 117 9.40 7.68 22.23
C GLN A 117 10.35 7.01 23.22
N GLU A 118 10.04 5.76 23.55
CA GLU A 118 10.79 4.93 24.49
C GLU A 118 10.21 3.52 24.35
N GLU A 119 8.89 3.43 24.45
CA GLU A 119 8.18 2.16 24.22
C GLU A 119 8.17 1.84 22.73
N LYS A 120 8.05 2.87 21.89
CA LYS A 120 8.11 2.72 20.43
C LYS A 120 9.42 2.06 20.01
N GLU A 121 10.52 2.48 20.64
CA GLU A 121 11.84 1.91 20.40
C GLU A 121 11.92 0.45 20.86
N LYS A 122 11.21 0.15 21.98
CA LYS A 122 11.14 -1.21 22.49
C LYS A 122 10.32 -2.14 21.58
N ILE A 123 9.16 -1.66 21.13
CA ILE A 123 8.32 -2.45 20.22
C ILE A 123 9.06 -2.68 18.90
N THR A 124 9.63 -1.60 18.34
CA THR A 124 10.37 -1.67 17.09
C THR A 124 11.43 -2.76 17.13
N LYS A 125 12.24 -2.77 18.17
CA LYS A 125 13.30 -3.78 18.29
C LYS A 125 12.70 -5.20 18.33
N GLU A 126 11.61 -5.35 19.08
CA GLU A 126 10.98 -6.65 19.24
C GLU A 126 10.47 -7.18 17.89
N ILE A 127 9.72 -6.36 17.17
CA ILE A 127 9.12 -6.83 15.92
C ILE A 127 10.15 -7.00 14.80
N LEU A 128 11.16 -6.14 14.75
CA LEU A 128 12.20 -6.24 13.72
C LEU A 128 13.15 -7.42 13.93
N ASN A 129 13.29 -7.90 15.17
CA ASN A 129 14.12 -9.09 15.46
C ASN A 129 13.29 -10.36 15.64
N GLY A 130 11.96 -10.21 15.57
CA GLY A 130 11.04 -11.30 15.80
C GLY A 130 10.21 -11.67 14.58
N LYS A 131 8.96 -11.21 14.55
CA LYS A 131 8.01 -11.65 13.53
C LYS A 131 8.32 -11.10 12.15
N VAL A 132 8.85 -9.87 12.08
CA VAL A 132 9.09 -9.27 10.76
C VAL A 132 10.07 -10.13 9.91
N PRO A 133 11.25 -10.50 10.42
CA PRO A 133 12.13 -11.37 9.64
C PRO A 133 11.45 -12.67 9.18
N VAL A 134 10.60 -13.24 10.04
CA VAL A 134 9.89 -14.48 9.70
C VAL A 134 8.95 -14.21 8.51
N LEU A 135 8.20 -13.11 8.58
CA LEU A 135 7.31 -12.73 7.47
C LEU A 135 8.08 -12.41 6.19
N PHE A 136 9.23 -11.76 6.34
CA PHE A 136 10.06 -11.44 5.15
C PHE A 136 10.52 -12.71 4.47
N ASN A 137 10.82 -13.73 5.24
CA ASN A 137 11.20 -15.00 4.65
C ASN A 137 10.05 -15.60 3.83
N MET A 138 8.83 -15.48 4.35
CA MET A 138 7.65 -15.97 3.64
C MET A 138 7.43 -15.17 2.36
N ILE A 139 7.56 -13.84 2.49
CA ILE A 139 7.43 -12.96 1.33
C ILE A 139 8.46 -13.32 0.26
N CYS A 140 9.71 -13.55 0.68
CA CYS A 140 10.76 -13.98 -0.23
C CYS A 140 10.37 -15.25 -0.97
N GLU A 141 9.84 -16.23 -0.23
CA GLU A 141 9.43 -17.49 -0.85
C GLU A 141 8.28 -17.25 -1.85
N SER A 142 7.35 -16.39 -1.49
CA SER A 142 6.25 -16.02 -2.39
C SER A 142 6.78 -15.37 -3.67
N LEU A 143 7.73 -14.46 -3.54
CA LEU A 143 8.36 -13.83 -4.74
C LEU A 143 9.10 -14.83 -5.61
N LYS A 144 9.82 -15.74 -4.97
CA LYS A 144 10.59 -16.74 -5.70
C LYS A 144 9.68 -17.66 -6.47
N GLY A 145 8.46 -17.80 -5.98
CA GLY A 145 7.44 -18.64 -6.61
C GLY A 145 6.79 -18.02 -7.85
N SER A 146 7.01 -16.71 -8.07
CA SER A 146 6.38 -16.05 -9.22
C SER A 146 6.83 -16.70 -10.54
N THR A 147 5.91 -16.75 -11.51
CA THR A 147 6.26 -17.22 -12.87
C THR A 147 6.97 -16.16 -13.69
N GLY A 148 7.03 -14.94 -13.17
CA GLY A 148 7.66 -13.84 -13.91
C GLY A 148 8.46 -12.92 -13.03
N LYS A 149 8.67 -11.70 -13.51
CA LYS A 149 9.58 -10.76 -12.88
C LYS A 149 8.97 -9.97 -11.74
N LEU A 150 7.63 -9.99 -11.64
CA LEU A 150 6.97 -9.24 -10.58
C LEU A 150 6.41 -10.21 -9.55
N ALA A 151 5.56 -9.73 -8.64
CA ALA A 151 5.14 -10.62 -7.55
C ALA A 151 4.34 -11.81 -8.08
N VAL A 152 3.52 -11.55 -9.07
CA VAL A 152 2.68 -12.58 -9.69
C VAL A 152 2.75 -12.41 -11.19
N GLY A 153 3.53 -13.26 -11.85
CA GLY A 153 3.70 -13.18 -13.28
C GLY A 153 4.50 -11.95 -13.66
N ASP A 154 4.28 -11.45 -14.87
CA ASP A 154 5.09 -10.34 -15.37
C ASP A 154 4.35 -9.03 -15.41
N LYS A 155 3.09 -9.04 -15.01
CA LYS A 155 2.27 -7.82 -15.08
C LYS A 155 2.04 -7.28 -13.68
N VAL A 156 1.94 -5.97 -13.58
CA VAL A 156 1.72 -5.34 -12.27
C VAL A 156 0.39 -5.83 -11.69
N THR A 157 0.42 -6.21 -10.43
CA THR A 157 -0.82 -6.54 -9.74
C THR A 157 -0.90 -5.74 -8.47
N LEU A 158 -2.05 -5.82 -7.82
CA LEU A 158 -2.19 -5.17 -6.53
C LEU A 158 -1.17 -5.68 -5.51
N ALA A 159 -0.79 -6.96 -5.60
CA ALA A 159 0.23 -7.51 -4.67
C ALA A 159 1.53 -6.71 -4.70
N ASP A 160 1.98 -6.33 -5.89
CA ASP A 160 3.23 -5.55 -6.01
C ASP A 160 3.15 -4.25 -5.22
N LEU A 161 1.98 -3.63 -5.26
CA LEU A 161 1.80 -2.26 -4.73
C LEU A 161 1.66 -2.35 -3.23
N VAL A 162 0.88 -3.32 -2.76
CA VAL A 162 0.77 -3.54 -1.31
C VAL A 162 2.14 -3.82 -0.73
N LEU A 163 2.91 -4.64 -1.45
CA LEU A 163 4.24 -5.03 -0.94
C LEU A 163 5.15 -3.81 -0.80
N ILE A 164 5.24 -2.98 -1.82
CA ILE A 164 6.18 -1.86 -1.65
C ILE A 164 5.73 -0.86 -0.58
N ALA A 165 4.42 -0.67 -0.43
CA ALA A 165 3.88 0.21 0.62
C ALA A 165 4.28 -0.30 2.02
N VAL A 166 4.16 -1.60 2.25
CA VAL A 166 4.54 -2.11 3.56
C VAL A 166 6.06 -2.09 3.78
N ILE A 167 6.84 -2.39 2.76
CA ILE A 167 8.32 -2.30 2.91
C ILE A 167 8.70 -0.87 3.29
N ASP A 168 8.03 0.11 2.70
CA ASP A 168 8.31 1.49 3.08
C ASP A 168 8.03 1.76 4.56
N HIS A 169 7.01 1.11 5.13
CA HIS A 169 6.78 1.23 6.57
C HIS A 169 7.87 0.55 7.37
N VAL A 170 8.35 -0.59 6.90
CA VAL A 170 9.49 -1.21 7.59
C VAL A 170 10.74 -0.28 7.60
N THR A 171 11.05 0.33 6.46
CA THR A 171 12.23 1.22 6.42
C THR A 171 11.98 2.53 7.17
N ASP A 172 10.71 2.89 7.39
CA ASP A 172 10.42 3.97 8.33
C ASP A 172 10.93 3.64 9.71
N LEU A 173 10.76 2.39 10.13
CA LEU A 173 11.17 1.96 11.47
C LEU A 173 12.67 1.82 11.60
N ASP A 174 13.29 1.33 10.53
CA ASP A 174 14.74 1.17 10.51
C ASP A 174 15.21 1.33 9.08
N LYS A 175 15.81 2.49 8.81
CA LYS A 175 16.29 2.81 7.47
C LYS A 175 17.30 1.81 6.96
N GLY A 176 17.98 1.11 7.87
CA GLY A 176 19.00 0.14 7.50
C GLY A 176 18.54 -1.30 7.41
N PHE A 177 17.23 -1.54 7.56
CA PHE A 177 16.76 -2.92 7.69
C PHE A 177 17.08 -3.80 6.48
N LEU A 178 17.02 -3.22 5.28
CA LEU A 178 17.27 -4.02 4.06
C LEU A 178 18.63 -3.81 3.44
N THR A 179 19.49 -3.00 4.05
CA THR A 179 20.80 -2.70 3.48
C THR A 179 21.67 -3.94 3.39
N GLY A 180 22.11 -4.26 2.18
CA GLY A 180 23.00 -5.38 1.94
C GLY A 180 22.34 -6.74 2.17
N LYS A 181 21.02 -6.73 2.28
CA LYS A 181 20.22 -7.91 2.59
C LYS A 181 19.03 -8.03 1.68
N TYR A 182 18.32 -9.17 1.79
CA TYR A 182 17.06 -9.40 1.06
C TYR A 182 17.09 -9.05 -0.45
N PRO A 183 17.97 -9.70 -1.20
CA PRO A 183 18.13 -9.32 -2.62
C PRO A 183 16.82 -9.45 -3.42
N GLU A 184 16.00 -10.44 -3.10
CA GLU A 184 14.72 -10.62 -3.83
C GLU A 184 13.79 -9.44 -3.66
N ILE A 185 13.81 -8.82 -2.48
CA ILE A 185 12.95 -7.65 -2.24
C ILE A 185 13.45 -6.45 -3.03
N HIS A 186 14.76 -6.26 -3.05
CA HIS A 186 15.34 -5.19 -3.86
C HIS A 186 15.05 -5.39 -5.34
N LYS A 187 15.21 -6.63 -5.80
CA LYS A 187 15.02 -6.95 -7.21
C LYS A 187 13.57 -6.71 -7.62
N HIS A 188 12.65 -7.12 -6.75
CA HIS A 188 11.23 -6.89 -6.98
C HIS A 188 10.96 -5.39 -7.23
N ARG A 189 11.52 -4.54 -6.36
CA ARG A 189 11.27 -3.10 -6.51
C ARG A 189 11.86 -2.57 -7.81
N GLU A 190 13.09 -3.01 -8.13
CA GLU A 190 13.73 -2.60 -9.38
C GLU A 190 12.89 -3.03 -10.60
N ASN A 191 12.44 -4.28 -10.57
CA ASN A 191 11.62 -4.83 -11.65
C ASN A 191 10.30 -4.07 -11.79
N LEU A 192 9.68 -3.74 -10.65
CA LEU A 192 8.42 -3.00 -10.66
C LEU A 192 8.61 -1.61 -11.27
N LEU A 193 9.66 -0.91 -10.86
CA LEU A 193 9.92 0.43 -11.37
C LEU A 193 10.23 0.41 -12.85
N ALA A 194 10.92 -0.64 -13.33
CA ALA A 194 11.18 -0.78 -14.76
C ALA A 194 9.88 -1.07 -15.53
N SER A 195 8.94 -1.74 -14.87
CA SER A 195 7.70 -2.19 -15.51
C SER A 195 6.63 -1.10 -15.54
N SER A 196 6.72 -0.14 -14.62
CA SER A 196 5.70 0.87 -14.51
C SER A 196 6.33 2.25 -14.34
N PRO A 197 6.64 2.90 -15.45
CA PRO A 197 7.19 4.27 -15.42
C PRO A 197 6.24 5.24 -14.70
N ARG A 198 4.94 5.00 -14.76
CA ARG A 198 3.96 5.86 -14.03
C ARG A 198 4.25 5.77 -12.55
N LEU A 199 4.42 4.55 -12.04
CA LEU A 199 4.73 4.36 -10.62
C LEU A 199 6.11 4.91 -10.25
N ALA A 200 7.09 4.69 -11.11
CA ALA A 200 8.44 5.27 -10.92
C ALA A 200 8.36 6.78 -10.75
N LYS A 201 7.64 7.45 -11.65
CA LYS A 201 7.52 8.89 -11.57
C LYS A 201 6.80 9.30 -10.27
N TYR A 202 5.69 8.63 -9.99
CA TYR A 202 4.90 8.91 -8.77
C TYR A 202 5.75 8.79 -7.49
N LEU A 203 6.47 7.70 -7.36
CA LEU A 203 7.30 7.49 -6.18
C LEU A 203 8.40 8.55 -6.05
N SER A 204 8.97 8.97 -7.17
CA SER A 204 10.03 9.98 -7.14
C SER A 204 9.51 11.37 -6.75
N ASN A 205 8.24 11.63 -7.00
CA ASN A 205 7.65 12.96 -6.78
C ASN A 205 6.78 13.05 -5.51
N ARG A 206 6.59 11.90 -4.87
CA ARG A 206 5.75 11.78 -3.70
C ARG A 206 6.30 12.60 -2.51
N PRO A 207 5.46 13.38 -1.82
CA PRO A 207 5.96 14.15 -0.68
C PRO A 207 6.35 13.18 0.44
N ALA A 208 7.40 13.52 1.19
CA ALA A 208 7.84 12.68 2.30
C ALA A 208 6.87 12.85 3.45
N THR A 209 6.39 11.74 4.00
CA THR A 209 5.45 11.79 5.13
C THR A 209 5.95 10.80 6.16
N PRO A 210 5.60 11.02 7.42
CA PRO A 210 6.08 10.17 8.51
C PRO A 210 5.40 8.79 8.63
N PHE A 211 4.27 8.59 7.96
CA PHE A 211 3.59 7.29 7.96
C PHE A 211 2.87 7.14 6.63
N1 GSH B . -10.05 -1.07 7.65
CA1 GSH B . -9.54 0.29 7.53
C1 GSH B . -9.34 0.74 6.13
O11 GSH B . -9.97 1.53 5.40
O12 GSH B . -8.35 0.16 5.72
CB1 GSH B . -9.51 1.22 8.74
CG1 GSH B . -9.51 2.70 8.39
CD1 GSH B . -9.01 3.41 9.62
OE1 GSH B . -8.62 2.66 10.74
N2 GSH B . -8.95 4.74 9.59
CA2 GSH B . -8.25 5.52 10.58
C2 GSH B . -9.13 6.67 11.00
O2 GSH B . -9.91 7.28 10.01
CB2 GSH B . -6.96 6.10 10.01
SG2 GSH B . -5.98 4.84 9.15
N3 GSH B . -9.10 7.10 12.25
CA3 GSH B . -9.50 8.45 12.68
C3 GSH B . -10.86 8.39 13.35
O31 GSH B . -11.45 7.29 13.35
O32 GSH B . -11.41 9.39 13.87
#